data_2OAZ
#
_entry.id   2OAZ
#
_cell.length_a   89.698
_cell.length_b   99.217
_cell.length_c   101.304
_cell.angle_alpha   90.00
_cell.angle_beta   90.00
_cell.angle_gamma   90.00
#
_symmetry.space_group_name_H-M   'C 2 2 21'
#
loop_
_entity.id
_entity.type
_entity.pdbx_description
1 polymer 'human Methionine Amino Peptidase 2'
2 non-polymer 'COBALT (II) ION'
3 non-polymer N-(2-ISOPROPYLPHENYL)-3-[(2-THIENYLMETHYL)THIO]-1H-1,2,4-TRIAZOL-5-AMINE
4 water water
#
_entity_poly.entity_id   1
_entity_poly.type   'polypeptide(L)'
_entity_poly.pdbx_seq_one_letter_code
;KVQTDPPSVPICDLYPNGVFPKGQECEYPPTQDGRTAAWRTTSEEKKALDQASEEIWNDFREAAEAHRQVRKYVMSWIKP
GMTMIEICEKLEDCSRKLIKENGLNAGLAFPTGCSLNNCAAHYTPNAGDTTVLQYDDICKIDFGTHISGRIIDCAFTVTF
NPKYDTLLKAVKDATNTGIKCAGIDVRLCDVGEAIQEVMESYEVEIDGKTYQVKPIRNLNGHSIGQYRIHAGKTVPIIKG
GEATRMEEGEVYAIETFGSTGKGVVHDDMECSHYMKNFDVGHVPIRLPRTKHLLNVINENFGTLAFCRRWLDRLGESKYL
MALKNLCDLGIVDPYPPLCDIKGSYTAQFEHTILLRPTCKEVVSRGDDY
;
_entity_poly.pdbx_strand_id   A
#
# COMPACT_ATOMS: atom_id res chain seq x y z
N LYS A 1 20.94 -8.59 19.00
CA LYS A 1 19.85 -9.06 19.91
C LYS A 1 18.64 -9.50 19.09
N VAL A 2 17.57 -9.86 19.80
CA VAL A 2 16.32 -10.30 19.16
C VAL A 2 15.28 -9.17 19.27
N GLN A 3 14.07 -9.41 18.78
CA GLN A 3 13.03 -8.39 18.82
C GLN A 3 12.25 -8.39 20.15
N THR A 4 11.95 -7.21 20.67
CA THR A 4 11.21 -7.07 21.93
C THR A 4 9.70 -7.24 21.69
N ASP A 5 8.93 -7.54 22.74
CA ASP A 5 7.47 -7.71 22.59
C ASP A 5 7.03 -6.47 21.82
N PRO A 6 6.65 -5.37 22.51
CA PRO A 6 6.28 -4.30 21.58
C PRO A 6 7.59 -3.99 20.84
N PRO A 7 7.66 -4.27 19.53
CA PRO A 7 8.88 -3.99 18.80
C PRO A 7 9.50 -2.62 19.05
N SER A 8 10.80 -2.52 18.82
CA SER A 8 11.52 -1.27 19.03
C SER A 8 12.93 -1.41 18.47
N VAL A 9 13.34 -2.66 18.25
CA VAL A 9 14.67 -2.91 17.73
C VAL A 9 14.65 -2.85 16.22
N PRO A 10 15.10 -1.72 15.64
CA PRO A 10 15.08 -1.63 14.18
C PRO A 10 15.58 -2.88 13.46
N ILE A 11 15.05 -3.13 12.28
CA ILE A 11 15.44 -4.32 11.52
C ILE A 11 16.92 -4.38 11.13
N CYS A 12 17.60 -3.24 11.00
CA CYS A 12 19.01 -3.30 10.62
C CYS A 12 19.90 -3.71 11.79
N ASP A 13 19.40 -3.52 13.01
CA ASP A 13 20.16 -3.92 14.18
C ASP A 13 19.93 -5.39 14.51
N LEU A 14 18.95 -6.01 13.84
CA LEU A 14 18.62 -7.42 14.04
C LEU A 14 19.31 -8.33 13.04
N TYR A 15 19.94 -7.74 12.03
CA TYR A 15 20.67 -8.48 11.02
C TYR A 15 21.97 -7.73 10.80
N PRO A 16 22.81 -7.66 11.85
CA PRO A 16 24.12 -6.98 11.86
C PRO A 16 24.97 -7.19 10.61
N ASN A 17 24.66 -8.26 9.88
CA ASN A 17 25.40 -8.60 8.68
C ASN A 17 25.01 -7.67 7.54
N GLY A 18 23.80 -7.12 7.62
CA GLY A 18 23.36 -6.22 6.56
C GLY A 18 22.56 -6.99 5.55
N VAL A 19 22.61 -8.31 5.66
CA VAL A 19 21.88 -9.21 4.78
C VAL A 19 20.50 -9.38 5.39
N PHE A 20 19.47 -9.14 4.60
CA PHE A 20 18.10 -9.26 5.08
C PHE A 20 17.34 -10.47 4.54
N PRO A 21 16.41 -11.01 5.35
CA PRO A 21 15.60 -12.18 4.97
C PRO A 21 14.99 -11.99 3.60
N LYS A 22 15.03 -13.05 2.81
CA LYS A 22 14.50 -13.00 1.47
C LYS A 22 13.02 -13.39 1.49
N GLY A 23 12.25 -12.82 0.56
CA GLY A 23 10.84 -13.12 0.50
C GLY A 23 10.66 -14.50 -0.10
N GLN A 24 9.41 -14.92 -0.27
CA GLN A 24 9.16 -16.22 -0.87
C GLN A 24 9.63 -16.15 -2.30
N GLU A 25 10.47 -17.10 -2.71
CA GLU A 25 10.95 -17.13 -4.08
C GLU A 25 10.13 -18.12 -4.90
N CYS A 26 9.66 -17.66 -6.04
CA CYS A 26 8.83 -18.47 -6.93
C CYS A 26 9.43 -18.54 -8.32
N GLU A 27 9.27 -19.70 -8.96
CA GLU A 27 9.76 -19.93 -10.31
C GLU A 27 8.73 -19.35 -11.26
N TYR A 28 9.20 -18.61 -12.26
CA TYR A 28 8.27 -18.02 -13.22
C TYR A 28 7.33 -19.07 -13.80
N PRO A 29 6.11 -18.65 -14.18
CA PRO A 29 5.17 -19.61 -14.76
C PRO A 29 5.59 -19.97 -16.19
N GLU A 44 23.13 -18.68 -14.09
CA GLU A 44 24.30 -18.52 -14.95
C GLU A 44 24.54 -17.05 -15.32
N GLU A 45 23.86 -16.62 -16.37
CA GLU A 45 23.98 -15.24 -16.84
C GLU A 45 22.90 -14.42 -16.14
N LYS A 46 21.65 -14.81 -16.35
CA LYS A 46 20.54 -14.11 -15.69
C LYS A 46 20.61 -14.51 -14.22
N LYS A 47 21.84 -14.70 -13.75
CA LYS A 47 22.14 -15.06 -12.38
C LYS A 47 23.13 -14.01 -11.94
N ALA A 48 23.93 -13.56 -12.90
CA ALA A 48 24.94 -12.53 -12.66
C ALA A 48 24.21 -11.21 -12.69
N LEU A 49 23.22 -11.12 -13.58
CA LEU A 49 22.41 -9.91 -13.74
C LEU A 49 21.65 -9.66 -12.45
N ASP A 50 21.20 -10.73 -11.81
CA ASP A 50 20.47 -10.63 -10.57
C ASP A 50 21.40 -10.24 -9.43
N GLN A 51 22.54 -10.93 -9.37
CA GLN A 51 23.53 -10.68 -8.34
C GLN A 51 24.06 -9.25 -8.36
N ALA A 52 24.03 -8.63 -9.54
CA ALA A 52 24.52 -7.26 -9.69
C ALA A 52 23.65 -6.22 -8.98
N SER A 53 22.34 -6.46 -8.93
CA SER A 53 21.41 -5.55 -8.27
C SER A 53 21.05 -6.02 -6.86
N GLU A 54 21.94 -6.82 -6.26
CA GLU A 54 21.71 -7.35 -4.91
C GLU A 54 21.41 -6.28 -3.87
N GLU A 55 22.27 -5.28 -3.76
CA GLU A 55 22.08 -4.19 -2.79
C GLU A 55 20.67 -3.62 -2.89
N ILE A 56 20.09 -3.64 -4.08
CA ILE A 56 18.74 -3.15 -4.29
C ILE A 56 17.71 -4.14 -3.71
N TRP A 57 17.80 -5.40 -4.13
CA TRP A 57 16.91 -6.44 -3.63
C TRP A 57 16.93 -6.43 -2.11
N ASN A 58 18.14 -6.33 -1.57
CA ASN A 58 18.34 -6.32 -0.13
C ASN A 58 17.60 -5.15 0.51
N ASP A 59 17.67 -4.00 -0.12
CA ASP A 59 17.00 -2.81 0.39
C ASP A 59 15.50 -3.07 0.48
N PHE A 60 14.95 -3.73 -0.53
CA PHE A 60 13.54 -4.07 -0.52
C PHE A 60 13.23 -4.99 0.66
N ARG A 61 14.08 -5.99 0.86
CA ARG A 61 13.91 -6.96 1.94
C ARG A 61 13.90 -6.35 3.32
N GLU A 62 14.80 -5.40 3.55
CA GLU A 62 14.86 -4.74 4.86
C GLU A 62 13.53 -4.01 5.08
N ALA A 63 13.04 -3.34 4.04
CA ALA A 63 11.78 -2.63 4.11
C ALA A 63 10.64 -3.60 4.37
N ALA A 64 10.77 -4.83 3.86
CA ALA A 64 9.75 -5.86 4.02
C ALA A 64 9.72 -6.46 5.42
N GLU A 65 10.89 -6.74 5.98
CA GLU A 65 10.92 -7.31 7.31
C GLU A 65 10.30 -6.32 8.28
N ALA A 66 10.48 -5.03 8.03
CA ALA A 66 9.91 -4.02 8.90
C ALA A 66 8.39 -4.11 8.80
N HIS A 67 7.90 -4.21 7.57
CA HIS A 67 6.46 -4.31 7.31
C HIS A 67 5.85 -5.55 7.96
N ARG A 68 6.55 -6.69 7.88
CA ARG A 68 6.02 -7.92 8.47
C ARG A 68 5.87 -7.77 9.99
N GLN A 69 6.90 -7.25 10.64
CA GLN A 69 6.88 -7.08 12.09
C GLN A 69 5.92 -6.00 12.57
N VAL A 70 5.76 -4.94 11.78
CA VAL A 70 4.84 -3.87 12.14
C VAL A 70 3.41 -4.38 12.08
N ARG A 71 3.07 -5.08 11.01
CA ARG A 71 1.70 -5.57 10.87
C ARG A 71 1.37 -6.65 11.89
N LYS A 72 2.32 -7.54 12.18
CA LYS A 72 2.06 -8.59 13.17
C LYS A 72 1.73 -7.95 14.52
N TYR A 73 2.35 -6.81 14.78
CA TYR A 73 2.13 -6.05 16.00
C TYR A 73 0.70 -5.52 15.97
N VAL A 74 0.38 -4.81 14.89
CA VAL A 74 -0.96 -4.24 14.70
C VAL A 74 -2.06 -5.27 14.89
N MET A 75 -1.90 -6.45 14.30
CA MET A 75 -2.92 -7.48 14.41
C MET A 75 -3.08 -7.97 15.83
N SER A 76 -2.12 -7.65 16.69
CA SER A 76 -2.18 -8.08 18.08
C SER A 76 -3.04 -7.16 18.92
N TRP A 77 -3.14 -5.89 18.52
CA TRP A 77 -3.93 -4.97 19.33
C TRP A 77 -5.07 -4.24 18.64
N ILE A 78 -5.22 -4.38 17.33
CA ILE A 78 -6.31 -3.68 16.65
C ILE A 78 -7.63 -4.22 17.16
N LYS A 79 -8.45 -3.32 17.69
CA LYS A 79 -9.72 -3.73 18.26
C LYS A 79 -10.79 -2.67 18.12
N PRO A 80 -12.06 -3.11 18.09
CA PRO A 80 -13.13 -2.13 17.97
C PRO A 80 -12.99 -1.32 19.25
N GLY A 81 -13.40 -0.05 19.21
CA GLY A 81 -13.27 0.77 20.40
C GLY A 81 -12.18 1.82 20.24
N MET A 82 -11.14 1.49 19.49
CA MET A 82 -10.04 2.42 19.26
C MET A 82 -10.42 3.36 18.15
N THR A 83 -9.97 4.60 18.23
CA THR A 83 -10.26 5.55 17.18
C THR A 83 -9.35 5.24 16.01
N MET A 84 -9.72 5.70 14.83
CA MET A 84 -8.89 5.45 13.66
C MET A 84 -7.57 6.18 13.82
N ILE A 85 -7.63 7.40 14.34
CA ILE A 85 -6.40 8.17 14.54
C ILE A 85 -5.47 7.41 15.47
N GLU A 86 -6.01 6.80 16.52
CA GLU A 86 -5.18 6.05 17.46
C GLU A 86 -4.53 4.83 16.80
N ILE A 87 -5.27 4.16 15.93
CA ILE A 87 -4.72 2.98 15.26
C ILE A 87 -3.55 3.36 14.36
N CYS A 88 -3.73 4.42 13.56
CA CYS A 88 -2.70 4.88 12.65
C CYS A 88 -1.44 5.43 13.33
N GLU A 89 -1.62 6.19 14.40
CA GLU A 89 -0.44 6.76 15.06
C GLU A 89 0.35 5.68 15.78
N LYS A 90 -0.34 4.64 16.24
CA LYS A 90 0.29 3.53 16.95
C LYS A 90 1.04 2.65 15.94
N LEU A 91 0.45 2.46 14.76
CA LEU A 91 1.09 1.64 13.74
C LEU A 91 2.32 2.39 13.23
N GLU A 92 2.12 3.65 12.84
CA GLU A 92 3.20 4.47 12.32
C GLU A 92 4.39 4.66 13.28
N ASP A 93 4.11 4.81 14.58
CA ASP A 93 5.19 4.99 15.53
C ASP A 93 6.10 3.76 15.60
N CYS A 94 5.51 2.58 15.48
CA CYS A 94 6.29 1.36 15.50
C CYS A 94 7.06 1.28 14.16
N SER A 95 6.35 1.58 13.08
CA SER A 95 6.92 1.55 11.74
C SER A 95 8.16 2.43 11.64
N ARG A 96 8.08 3.65 12.18
CA ARG A 96 9.21 4.57 12.16
C ARG A 96 10.42 3.96 12.88
N LYS A 97 10.15 3.32 14.02
CA LYS A 97 11.19 2.68 14.82
C LYS A 97 11.92 1.54 14.11
N LEU A 98 11.20 0.49 13.71
CA LEU A 98 11.80 -0.67 13.03
C LEU A 98 12.49 -0.35 11.71
N ILE A 99 11.94 0.61 10.96
CA ILE A 99 12.52 0.99 9.67
C ILE A 99 13.68 1.94 9.95
N LYS A 100 13.78 2.37 11.20
CA LYS A 100 14.86 3.27 11.60
C LYS A 100 14.84 4.51 10.70
N GLU A 101 13.72 5.21 10.71
CA GLU A 101 13.53 6.39 9.91
C GLU A 101 14.72 7.34 9.89
N ASN A 102 15.11 7.75 8.69
CA ASN A 102 16.24 8.65 8.51
C ASN A 102 15.96 9.52 7.30
N GLY A 103 15.16 10.56 7.50
CA GLY A 103 14.83 11.45 6.40
C GLY A 103 14.29 10.65 5.23
N LEU A 104 14.93 10.78 4.08
CA LEU A 104 14.52 10.09 2.86
C LEU A 104 15.33 8.82 2.58
N ASN A 105 16.23 8.47 3.49
CA ASN A 105 17.04 7.28 3.30
C ASN A 105 16.31 6.07 3.84
N ALA A 106 15.49 6.30 4.87
CA ALA A 106 14.71 5.23 5.48
C ALA A 106 13.46 5.85 6.07
N GLY A 107 12.30 5.21 5.88
CA GLY A 107 11.09 5.78 6.45
C GLY A 107 9.79 5.17 6.02
N LEU A 108 8.71 5.94 6.13
CA LEU A 108 7.39 5.47 5.74
C LEU A 108 7.14 5.89 4.29
N ALA A 109 6.82 4.92 3.45
CA ALA A 109 6.58 5.17 2.02
C ALA A 109 5.31 5.96 1.79
N PHE A 110 4.32 5.76 2.67
CA PHE A 110 3.05 6.46 2.57
C PHE A 110 2.20 6.31 3.84
N PRO A 111 1.20 7.20 4.00
CA PRO A 111 0.32 7.20 5.17
C PRO A 111 -0.42 5.88 5.34
N THR A 112 -0.85 5.59 6.57
CA THR A 112 -1.56 4.36 6.85
C THR A 112 -3.01 4.42 6.40
N GLY A 113 -3.31 3.67 5.34
CA GLY A 113 -4.68 3.66 4.88
C GLY A 113 -5.46 2.75 5.81
N CYS A 114 -6.65 3.15 6.20
CA CYS A 114 -7.50 2.33 7.06
C CYS A 114 -8.95 2.44 6.61
N SER A 115 -9.14 2.53 5.28
CA SER A 115 -10.45 2.65 4.65
C SER A 115 -11.51 1.72 5.22
N LEU A 116 -12.66 2.30 5.56
CA LEU A 116 -13.74 1.53 6.15
C LEU A 116 -14.91 1.17 5.21
N ASN A 117 -15.43 -0.03 5.47
CA ASN A 117 -16.56 -0.61 4.77
C ASN A 117 -16.68 -0.40 3.25
N ASN A 118 -17.56 0.48 2.79
CA ASN A 118 -17.68 0.68 1.36
C ASN A 118 -16.46 1.39 0.83
N CYS A 119 -15.71 2.08 1.70
CA CYS A 119 -14.51 2.78 1.26
C CYS A 119 -13.41 1.74 1.13
N ALA A 120 -12.91 1.62 -0.09
CA ALA A 120 -11.89 0.65 -0.42
C ALA A 120 -10.46 1.09 -0.20
N ALA A 121 -10.12 2.35 -0.48
CA ALA A 121 -8.73 2.77 -0.30
C ALA A 121 -8.54 4.25 -0.12
N HIS A 122 -7.33 4.61 0.29
CA HIS A 122 -6.94 5.98 0.48
C HIS A 122 -7.61 6.80 1.55
N TYR A 123 -8.10 6.14 2.59
CA TYR A 123 -8.68 6.87 3.69
C TYR A 123 -7.74 6.75 4.88
N THR A 124 -7.36 7.89 5.44
CA THR A 124 -6.54 7.94 6.65
C THR A 124 -7.11 9.18 7.32
N PRO A 125 -7.28 9.14 8.64
CA PRO A 125 -7.84 10.29 9.36
C PRO A 125 -7.03 11.58 9.38
N ASN A 126 -7.75 12.70 9.28
CA ASN A 126 -7.14 14.04 9.37
C ASN A 126 -7.40 14.43 10.82
N ALA A 127 -6.88 15.58 11.24
CA ALA A 127 -7.06 16.08 12.60
C ALA A 127 -8.53 16.22 12.94
N GLY A 128 -8.91 15.83 14.16
CA GLY A 128 -10.29 15.97 14.56
C GLY A 128 -11.24 14.85 14.18
N ASP A 129 -10.76 13.87 13.41
CA ASP A 129 -11.62 12.77 13.03
C ASP A 129 -11.94 11.93 14.28
N THR A 130 -13.21 11.82 14.64
CA THR A 130 -13.59 11.05 15.82
C THR A 130 -14.06 9.63 15.53
N THR A 131 -13.97 9.23 14.27
CA THR A 131 -14.38 7.90 13.87
C THR A 131 -13.76 6.82 14.75
N VAL A 132 -14.58 5.88 15.19
CA VAL A 132 -14.13 4.77 16.01
C VAL A 132 -14.37 3.47 15.28
N LEU A 133 -13.37 2.57 15.33
CA LEU A 133 -13.46 1.27 14.68
C LEU A 133 -14.54 0.47 15.37
N GLN A 134 -15.45 -0.08 14.58
CA GLN A 134 -16.56 -0.87 15.11
C GLN A 134 -16.40 -2.37 14.90
N TYR A 135 -17.21 -3.14 15.63
CA TYR A 135 -17.16 -4.59 15.55
C TYR A 135 -17.54 -5.15 14.18
N ASP A 136 -18.42 -4.46 13.48
CA ASP A 136 -18.87 -4.90 12.15
C ASP A 136 -18.12 -4.27 10.99
N ASP A 137 -17.09 -3.47 11.28
CA ASP A 137 -16.34 -2.81 10.23
C ASP A 137 -15.38 -3.74 9.51
N ILE A 138 -15.16 -3.46 8.22
CA ILE A 138 -14.21 -4.22 7.44
C ILE A 138 -13.20 -3.14 7.03
N CYS A 139 -12.10 -3.14 7.77
CA CYS A 139 -11.00 -2.18 7.67
C CYS A 139 -9.79 -2.67 6.88
N LYS A 140 -9.45 -1.94 5.82
CA LYS A 140 -8.31 -2.29 4.99
C LYS A 140 -7.06 -1.50 5.46
N ILE A 141 -6.10 -2.19 6.06
CA ILE A 141 -4.87 -1.56 6.53
C ILE A 141 -3.82 -1.64 5.42
N ASP A 142 -3.43 -0.50 4.87
CA ASP A 142 -2.45 -0.43 3.78
C ASP A 142 -1.39 0.60 4.16
N PHE A 143 -0.18 0.13 4.41
CA PHE A 143 0.90 1.03 4.78
C PHE A 143 2.17 0.57 4.08
N GLY A 144 3.11 1.49 3.91
CA GLY A 144 4.35 1.15 3.24
C GLY A 144 5.61 1.63 3.94
N THR A 145 6.68 0.87 3.77
CA THR A 145 7.96 1.22 4.35
C THR A 145 8.92 1.24 3.18
N HIS A 146 10.02 1.98 3.31
CA HIS A 146 11.00 2.06 2.24
C HIS A 146 12.39 2.25 2.81
N ILE A 147 13.38 1.84 2.03
CA ILE A 147 14.79 1.99 2.38
C ILE A 147 15.37 2.52 1.08
N SER A 148 15.84 3.76 1.11
CA SER A 148 16.41 4.37 -0.08
C SER A 148 15.43 4.41 -1.24
N GLY A 149 14.17 4.64 -0.94
CA GLY A 149 13.20 4.71 -2.02
C GLY A 149 12.68 3.39 -2.51
N ARG A 150 13.28 2.28 -2.10
CA ARG A 150 12.80 0.96 -2.52
C ARG A 150 11.55 0.70 -1.68
N ILE A 151 10.40 1.04 -2.23
CA ILE A 151 9.11 0.92 -1.55
C ILE A 151 8.43 -0.45 -1.43
N ILE A 152 7.89 -0.73 -0.24
CA ILE A 152 7.15 -1.96 0.02
C ILE A 152 5.69 -1.54 0.22
N ASP A 153 4.82 -1.88 -0.74
CA ASP A 153 3.38 -1.57 -0.69
C ASP A 153 2.70 -2.91 -0.44
N CYS A 154 2.23 -3.09 0.78
CA CYS A 154 1.59 -4.34 1.20
C CYS A 154 0.43 -4.03 2.15
N ALA A 155 -0.71 -4.68 1.92
CA ALA A 155 -1.88 -4.44 2.74
C ALA A 155 -2.76 -5.68 2.98
N PHE A 156 -3.55 -5.62 4.04
CA PHE A 156 -4.42 -6.71 4.39
C PHE A 156 -5.73 -6.15 4.93
N THR A 157 -6.71 -7.00 5.13
CA THR A 157 -7.99 -6.56 5.62
C THR A 157 -8.24 -7.04 7.05
N VAL A 158 -8.85 -6.19 7.86
CA VAL A 158 -9.14 -6.55 9.25
C VAL A 158 -10.64 -6.61 9.48
N THR A 159 -11.09 -7.68 10.15
CA THR A 159 -12.51 -7.84 10.49
C THR A 159 -12.61 -8.45 11.89
N PHE A 160 -13.81 -8.45 12.48
CA PHE A 160 -13.98 -9.04 13.81
C PHE A 160 -15.20 -9.93 13.75
N ASN A 161 -16.10 -9.61 12.83
CA ASN A 161 -17.31 -10.40 12.63
C ASN A 161 -16.96 -11.39 11.52
N PRO A 162 -17.10 -12.70 11.79
CA PRO A 162 -16.77 -13.72 10.79
C PRO A 162 -17.68 -13.74 9.56
N LYS A 163 -18.76 -12.96 9.55
CA LYS A 163 -19.65 -12.93 8.39
C LYS A 163 -18.91 -12.52 7.12
N TYR A 164 -17.77 -11.85 7.28
CA TYR A 164 -16.97 -11.40 6.14
C TYR A 164 -15.95 -12.46 5.71
N ASP A 165 -15.73 -13.44 6.57
CA ASP A 165 -14.76 -14.50 6.28
C ASP A 165 -14.65 -14.92 4.82
N THR A 166 -15.77 -15.27 4.19
CA THR A 166 -15.72 -15.71 2.81
C THR A 166 -15.35 -14.59 1.85
N LEU A 167 -15.71 -13.36 2.19
CA LEU A 167 -15.38 -12.24 1.33
C LEU A 167 -13.87 -12.06 1.33
N LEU A 168 -13.28 -12.15 2.54
CA LEU A 168 -11.84 -11.98 2.70
C LEU A 168 -11.08 -13.09 2.01
N LYS A 169 -11.60 -14.31 2.09
CA LYS A 169 -10.93 -15.44 1.46
C LYS A 169 -10.97 -15.27 -0.04
N ALA A 170 -12.06 -14.70 -0.55
CA ALA A 170 -12.18 -14.50 -1.99
C ALA A 170 -11.10 -13.55 -2.49
N VAL A 171 -10.99 -12.39 -1.85
CA VAL A 171 -10.00 -11.41 -2.26
C VAL A 171 -8.57 -11.93 -2.08
N LYS A 172 -8.32 -12.57 -0.94
CA LYS A 172 -6.99 -13.11 -0.69
C LYS A 172 -6.61 -14.12 -1.77
N ASP A 173 -7.56 -14.98 -2.11
CA ASP A 173 -7.36 -16.00 -3.12
C ASP A 173 -7.14 -15.33 -4.47
N ALA A 174 -7.87 -14.25 -4.75
CA ALA A 174 -7.70 -13.54 -6.02
C ALA A 174 -6.32 -12.90 -6.09
N THR A 175 -5.90 -12.29 -4.99
CA THR A 175 -4.59 -11.64 -4.94
C THR A 175 -3.46 -12.64 -5.19
N ASN A 176 -3.45 -13.75 -4.45
CA ASN A 176 -2.39 -14.75 -4.66
C ASN A 176 -2.45 -15.34 -6.06
N THR A 177 -3.63 -15.31 -6.67
CA THR A 177 -3.79 -15.84 -8.02
C THR A 177 -3.06 -14.89 -8.95
N GLY A 178 -3.22 -13.59 -8.70
CA GLY A 178 -2.56 -12.57 -9.50
C GLY A 178 -1.06 -12.63 -9.29
N ILE A 179 -0.66 -12.95 -8.07
CA ILE A 179 0.75 -13.06 -7.73
C ILE A 179 1.36 -14.27 -8.42
N LYS A 180 0.61 -15.36 -8.53
CA LYS A 180 1.15 -16.55 -9.18
C LYS A 180 1.22 -16.42 -10.70
N CYS A 181 0.25 -15.73 -11.30
CA CYS A 181 0.24 -15.55 -12.76
C CYS A 181 1.24 -14.50 -13.24
N ALA A 182 1.75 -13.67 -12.32
CA ALA A 182 2.70 -12.65 -12.70
C ALA A 182 4.03 -13.26 -13.09
N GLY A 183 4.77 -12.53 -13.93
CA GLY A 183 6.06 -13.01 -14.38
C GLY A 183 6.54 -12.23 -15.59
N ILE A 184 7.79 -12.45 -15.97
CA ILE A 184 8.36 -11.76 -17.12
C ILE A 184 7.76 -12.25 -18.44
N ASP A 185 7.28 -11.29 -19.23
CA ASP A 185 6.65 -11.56 -20.53
C ASP A 185 5.16 -11.83 -20.39
N VAL A 186 4.69 -11.94 -19.15
CA VAL A 186 3.28 -12.18 -18.88
C VAL A 186 2.48 -10.96 -19.31
N ARG A 187 1.46 -11.16 -20.13
CA ARG A 187 0.62 -10.05 -20.59
C ARG A 187 -0.18 -9.54 -19.39
N LEU A 188 -0.19 -8.23 -19.18
CA LEU A 188 -0.92 -7.67 -18.03
C LEU A 188 -2.42 -7.97 -18.02
N CYS A 189 -3.05 -8.01 -19.19
CA CYS A 189 -4.49 -8.29 -19.23
C CYS A 189 -4.84 -9.73 -18.87
N ASP A 190 -3.87 -10.64 -18.91
CA ASP A 190 -4.13 -12.04 -18.55
C ASP A 190 -4.19 -12.17 -17.03
N VAL A 191 -3.36 -11.40 -16.34
CA VAL A 191 -3.35 -11.43 -14.87
C VAL A 191 -4.74 -10.92 -14.47
N GLY A 192 -5.13 -9.78 -15.03
CA GLY A 192 -6.43 -9.23 -14.72
C GLY A 192 -7.53 -10.26 -14.92
N GLU A 193 -7.55 -10.89 -16.08
CA GLU A 193 -8.55 -11.89 -16.39
C GLU A 193 -8.51 -13.03 -15.37
N ALA A 194 -7.30 -13.47 -15.04
CA ALA A 194 -7.14 -14.54 -14.08
C ALA A 194 -7.72 -14.13 -12.73
N ILE A 195 -7.29 -12.97 -12.24
CA ILE A 195 -7.75 -12.44 -10.96
C ILE A 195 -9.26 -12.40 -10.84
N GLN A 196 -9.93 -11.96 -11.90
CA GLN A 196 -11.38 -11.87 -11.91
C GLN A 196 -12.05 -13.24 -11.87
N GLU A 197 -11.57 -14.17 -12.69
CA GLU A 197 -12.16 -15.50 -12.74
C GLU A 197 -12.18 -16.18 -11.38
N VAL A 198 -11.12 -15.98 -10.60
CA VAL A 198 -11.06 -16.58 -9.26
C VAL A 198 -11.98 -15.81 -8.33
N MET A 199 -11.89 -14.49 -8.39
CA MET A 199 -12.70 -13.61 -7.55
C MET A 199 -14.18 -13.89 -7.66
N GLU A 200 -14.68 -13.93 -8.90
CA GLU A 200 -16.09 -14.17 -9.10
C GLU A 200 -16.52 -15.62 -8.95
N SER A 201 -15.59 -16.51 -8.59
CA SER A 201 -15.98 -17.90 -8.39
C SER A 201 -16.46 -18.04 -6.94
N TYR A 202 -16.36 -16.96 -6.17
CA TYR A 202 -16.81 -16.97 -4.77
C TYR A 202 -18.18 -16.31 -4.66
N GLU A 203 -19.02 -16.87 -3.80
CA GLU A 203 -20.34 -16.29 -3.58
C GLU A 203 -20.42 -16.20 -2.06
N VAL A 204 -20.87 -15.06 -1.53
CA VAL A 204 -20.93 -14.89 -0.08
C VAL A 204 -22.31 -14.49 0.42
N GLU A 205 -22.52 -14.66 1.72
CA GLU A 205 -23.77 -14.29 2.34
C GLU A 205 -23.47 -13.46 3.59
N ILE A 206 -23.96 -12.23 3.59
CA ILE A 206 -23.72 -11.35 4.71
C ILE A 206 -25.06 -10.74 5.15
N ASP A 207 -25.46 -11.03 6.37
CA ASP A 207 -26.71 -10.52 6.92
C ASP A 207 -27.94 -10.95 6.10
N GLY A 208 -28.06 -12.24 5.78
CA GLY A 208 -29.21 -12.72 5.02
C GLY A 208 -29.18 -12.57 3.51
N LYS A 209 -28.29 -11.73 2.98
CA LYS A 209 -28.23 -11.56 1.53
C LYS A 209 -26.96 -12.17 0.94
N THR A 210 -27.08 -12.73 -0.26
CA THR A 210 -25.96 -13.37 -0.93
C THR A 210 -25.42 -12.47 -2.03
N TYR A 211 -24.14 -12.63 -2.35
CA TYR A 211 -23.50 -11.83 -3.40
C TYR A 211 -22.40 -12.64 -4.08
N GLN A 212 -22.15 -12.36 -5.35
CA GLN A 212 -21.03 -13.00 -6.02
C GLN A 212 -19.99 -11.90 -5.97
N VAL A 213 -18.90 -12.13 -5.29
CA VAL A 213 -17.85 -11.12 -5.17
C VAL A 213 -17.44 -10.59 -6.54
N LYS A 214 -17.34 -9.27 -6.65
CA LYS A 214 -16.92 -8.69 -7.92
C LYS A 214 -15.72 -7.80 -7.71
N PRO A 215 -14.74 -7.88 -8.61
CA PRO A 215 -13.54 -7.03 -8.47
C PRO A 215 -13.98 -5.59 -8.65
N ILE A 216 -13.25 -4.65 -8.04
CA ILE A 216 -13.56 -3.23 -8.17
C ILE A 216 -12.79 -2.91 -9.45
N ARG A 217 -13.51 -2.92 -10.57
CA ARG A 217 -12.90 -2.71 -11.88
C ARG A 217 -12.02 -1.49 -12.07
N ASN A 218 -12.38 -0.36 -11.49
CA ASN A 218 -11.56 0.84 -11.64
C ASN A 218 -10.43 0.94 -10.61
N LEU A 219 -10.10 -0.19 -9.97
CA LEU A 219 -9.00 -0.20 -9.01
C LEU A 219 -7.98 -1.18 -9.56
N ASN A 220 -6.73 -1.08 -9.13
CA ASN A 220 -5.74 -1.98 -9.70
C ASN A 220 -4.33 -1.92 -9.12
N GLY A 221 -3.56 -2.97 -9.38
CA GLY A 221 -2.18 -3.03 -8.94
C GLY A 221 -1.36 -2.07 -9.78
N HIS A 222 -0.08 -1.96 -9.50
CA HIS A 222 0.75 -1.01 -10.24
C HIS A 222 2.24 -1.31 -10.13
N SER A 223 3.01 -0.78 -11.08
CA SER A 223 4.46 -0.97 -11.08
C SER A 223 5.04 0.03 -10.08
N ILE A 224 6.19 -0.30 -9.53
CA ILE A 224 6.83 0.55 -8.54
C ILE A 224 8.24 0.98 -8.94
N GLY A 225 8.49 2.29 -8.84
CA GLY A 225 9.81 2.83 -9.15
C GLY A 225 10.41 3.40 -7.88
N GLN A 226 11.67 3.82 -7.92
CA GLN A 226 12.33 4.37 -6.74
C GLN A 226 11.64 5.66 -6.30
N TYR A 227 11.26 5.74 -5.03
CA TYR A 227 10.56 6.91 -4.52
C TYR A 227 9.32 7.20 -5.33
N ARG A 228 8.81 6.19 -6.04
CA ARG A 228 7.61 6.37 -6.85
C ARG A 228 6.65 5.19 -6.72
N ILE A 229 5.70 5.33 -5.81
CA ILE A 229 4.72 4.28 -5.55
C ILE A 229 3.99 3.74 -6.80
N HIS A 230 3.56 4.63 -7.68
CA HIS A 230 2.87 4.24 -8.90
C HIS A 230 3.70 4.72 -10.08
N ALA A 231 4.64 3.87 -10.50
CA ALA A 231 5.58 4.18 -11.57
C ALA A 231 5.07 4.24 -13.01
N GLY A 232 3.83 3.86 -13.28
CA GLY A 232 3.36 3.93 -14.65
C GLY A 232 2.41 2.88 -15.18
N LYS A 233 2.78 1.59 -15.09
CA LYS A 233 1.91 0.52 -15.58
C LYS A 233 0.87 0.09 -14.56
N THR A 234 -0.25 -0.42 -15.04
CA THR A 234 -1.31 -0.86 -14.16
C THR A 234 -1.62 -2.35 -14.34
N VAL A 235 -1.93 -3.02 -13.23
CA VAL A 235 -2.27 -4.44 -13.24
C VAL A 235 -3.77 -4.52 -12.99
N PRO A 236 -4.57 -4.72 -14.05
CA PRO A 236 -6.02 -4.80 -13.88
C PRO A 236 -6.46 -5.98 -13.01
N ILE A 237 -7.69 -5.90 -12.50
CA ILE A 237 -8.23 -6.99 -11.70
C ILE A 237 -9.51 -7.46 -12.37
N ILE A 238 -9.59 -7.17 -13.66
CA ILE A 238 -10.72 -7.56 -14.51
C ILE A 238 -10.19 -7.77 -15.93
N LYS A 239 -10.96 -8.50 -16.73
CA LYS A 239 -10.60 -8.77 -18.12
C LYS A 239 -10.60 -7.45 -18.88
N GLY A 240 -10.32 -7.51 -20.18
CA GLY A 240 -10.31 -6.32 -21.01
C GLY A 240 -9.18 -5.34 -20.72
N GLY A 241 -8.07 -5.84 -20.17
CA GLY A 241 -6.95 -4.96 -19.88
C GLY A 241 -6.00 -4.89 -21.07
N GLU A 242 -4.83 -4.31 -20.85
CA GLU A 242 -3.83 -4.17 -21.91
C GLU A 242 -2.93 -5.40 -22.00
N ALA A 243 -2.44 -5.69 -23.21
CA ALA A 243 -1.58 -6.83 -23.45
C ALA A 243 -0.12 -6.53 -23.08
N THR A 244 0.15 -5.31 -22.65
CA THR A 244 1.50 -4.94 -22.26
C THR A 244 2.03 -5.99 -21.31
N ARG A 245 3.30 -6.34 -21.49
CA ARG A 245 3.94 -7.37 -20.67
C ARG A 245 4.78 -6.82 -19.53
N MET A 246 4.97 -7.67 -18.52
CA MET A 246 5.78 -7.32 -17.37
C MET A 246 7.20 -7.64 -17.84
N GLU A 247 8.14 -6.77 -17.53
CA GLU A 247 9.52 -6.98 -17.95
C GLU A 247 10.42 -7.51 -16.85
N GLU A 248 11.66 -7.79 -17.22
CA GLU A 248 12.64 -8.29 -16.28
C GLU A 248 13.14 -7.12 -15.43
N GLY A 249 13.24 -7.33 -14.13
CA GLY A 249 13.72 -6.29 -13.24
C GLY A 249 12.69 -5.28 -12.76
N GLU A 250 11.41 -5.49 -13.10
CA GLU A 250 10.38 -4.55 -12.66
C GLU A 250 9.88 -4.95 -11.29
N VAL A 251 9.27 -3.99 -10.61
CA VAL A 251 8.72 -4.21 -9.28
C VAL A 251 7.25 -3.85 -9.38
N TYR A 252 6.39 -4.72 -8.87
CA TYR A 252 4.96 -4.48 -8.95
C TYR A 252 4.22 -4.62 -7.63
N ALA A 253 3.12 -3.89 -7.52
CA ALA A 253 2.28 -3.96 -6.36
C ALA A 253 1.09 -4.80 -6.85
N ILE A 254 1.01 -6.05 -6.40
CA ILE A 254 -0.11 -6.88 -6.81
C ILE A 254 -1.23 -6.72 -5.77
N GLU A 255 -2.27 -5.97 -6.13
CA GLU A 255 -3.39 -5.77 -5.21
C GLU A 255 -4.73 -5.97 -5.90
N THR A 256 -5.64 -6.64 -5.19
CA THR A 256 -6.98 -6.87 -5.72
C THR A 256 -7.98 -6.37 -4.71
N PHE A 257 -9.18 -6.02 -5.18
CA PHE A 257 -10.24 -5.54 -4.30
C PHE A 257 -11.56 -6.24 -4.61
N GLY A 258 -12.15 -6.84 -3.59
CA GLY A 258 -13.43 -7.50 -3.78
C GLY A 258 -14.54 -6.63 -3.23
N SER A 259 -15.73 -6.69 -3.82
CA SER A 259 -16.81 -5.86 -3.33
C SER A 259 -18.22 -6.40 -3.52
N THR A 260 -19.09 -6.11 -2.55
CA THR A 260 -20.50 -6.54 -2.62
C THR A 260 -21.34 -5.44 -3.26
N GLY A 261 -20.71 -4.32 -3.61
CA GLY A 261 -21.45 -3.23 -4.22
C GLY A 261 -21.47 -3.27 -5.75
N LYS A 262 -21.19 -2.13 -6.37
CA LYS A 262 -21.20 -2.02 -7.82
C LYS A 262 -19.91 -2.53 -8.45
N GLY A 263 -18.81 -2.45 -7.72
CA GLY A 263 -17.55 -2.91 -8.28
C GLY A 263 -16.79 -1.75 -8.91
N VAL A 264 -17.09 -0.55 -8.44
CA VAL A 264 -16.44 0.66 -8.92
C VAL A 264 -16.40 1.68 -7.80
N VAL A 265 -15.24 2.31 -7.64
CA VAL A 265 -15.09 3.30 -6.59
C VAL A 265 -15.18 4.71 -7.17
N HIS A 266 -15.53 5.67 -6.31
CA HIS A 266 -15.66 7.06 -6.72
C HIS A 266 -15.09 7.95 -5.61
N ASP A 267 -14.75 9.19 -5.95
CA ASP A 267 -14.24 10.12 -4.95
C ASP A 267 -15.30 10.37 -3.89
N ASP A 268 -14.93 10.24 -2.63
CA ASP A 268 -15.88 10.45 -1.55
C ASP A 268 -15.18 10.82 -0.26
N MET A 269 -15.83 11.67 0.53
CA MET A 269 -15.32 12.15 1.81
C MET A 269 -14.22 13.20 1.64
N GLU A 270 -13.72 13.67 2.78
CA GLU A 270 -12.68 14.66 2.80
C GLU A 270 -11.37 14.01 2.34
N CYS A 271 -10.46 14.78 1.78
CA CYS A 271 -9.19 14.24 1.31
C CYS A 271 -8.18 14.24 2.43
N SER A 272 -7.28 13.25 2.44
CA SER A 272 -6.26 13.16 3.48
C SER A 272 -4.88 12.83 2.94
N HIS A 273 -4.83 12.17 1.78
CA HIS A 273 -3.58 11.79 1.15
C HIS A 273 -3.20 12.77 0.06
N TYR A 274 -1.92 13.10 -0.02
CA TYR A 274 -1.43 14.04 -1.03
C TYR A 274 -0.09 13.51 -1.53
N MET A 275 0.31 13.91 -2.73
CA MET A 275 1.58 13.45 -3.26
C MET A 275 2.05 14.31 -4.42
N LYS A 276 3.29 14.77 -4.32
CA LYS A 276 3.91 15.62 -5.32
C LYS A 276 3.95 14.90 -6.67
N ASN A 277 3.51 15.57 -7.74
CA ASN A 277 3.54 14.96 -9.05
C ASN A 277 4.99 14.68 -9.41
N PHE A 278 5.29 13.38 -9.52
CA PHE A 278 6.65 12.90 -9.82
C PHE A 278 7.36 13.50 -11.03
N ASP A 279 6.61 13.90 -12.06
CA ASP A 279 7.21 14.43 -13.27
C ASP A 279 7.38 15.95 -13.34
N VAL A 280 6.93 16.65 -12.32
CA VAL A 280 7.06 18.11 -12.31
C VAL A 280 8.42 18.51 -11.75
N GLY A 281 9.02 19.55 -12.35
CA GLY A 281 10.32 20.02 -11.89
C GLY A 281 10.19 21.22 -10.99
N HIS A 282 11.32 21.87 -10.71
CA HIS A 282 11.38 23.05 -9.84
C HIS A 282 10.47 24.16 -10.33
N VAL A 283 9.63 24.66 -9.41
CA VAL A 283 8.72 25.74 -9.72
C VAL A 283 9.01 26.88 -8.75
N PRO A 284 9.31 28.08 -9.27
CA PRO A 284 9.59 29.20 -8.37
C PRO A 284 8.29 29.72 -7.76
N ILE A 285 8.22 29.75 -6.43
CA ILE A 285 7.03 30.24 -5.73
C ILE A 285 7.39 31.43 -4.85
N ARG A 286 6.79 32.58 -5.12
CA ARG A 286 7.06 33.76 -4.31
C ARG A 286 6.11 33.83 -3.11
N LEU A 287 4.88 33.33 -3.28
CA LEU A 287 3.89 33.34 -2.20
C LEU A 287 4.47 32.68 -0.95
N PRO A 288 4.65 33.47 0.12
CA PRO A 288 5.19 33.04 1.40
C PRO A 288 4.82 31.64 1.88
N ARG A 289 3.56 31.47 2.29
CA ARG A 289 3.10 30.20 2.82
C ARG A 289 3.11 29.02 1.86
N THR A 290 2.86 29.28 0.59
CA THR A 290 2.85 28.21 -0.40
C THR A 290 4.29 27.75 -0.61
N LYS A 291 5.19 28.71 -0.69
CA LYS A 291 6.62 28.44 -0.87
C LYS A 291 7.11 27.58 0.28
N HIS A 292 6.75 27.97 1.51
CA HIS A 292 7.17 27.24 2.70
C HIS A 292 6.64 25.82 2.67
N LEU A 293 5.36 25.67 2.39
CA LEU A 293 4.77 24.34 2.39
C LEU A 293 5.50 23.43 1.41
N LEU A 294 5.74 23.93 0.19
CA LEU A 294 6.44 23.15 -0.83
C LEU A 294 7.81 22.74 -0.33
N ASN A 295 8.52 23.67 0.30
CA ASN A 295 9.83 23.34 0.82
C ASN A 295 9.71 22.21 1.82
N VAL A 296 8.70 22.27 2.69
CA VAL A 296 8.50 21.24 3.68
C VAL A 296 8.26 19.89 3.01
N ILE A 297 7.40 19.90 1.99
CA ILE A 297 7.12 18.66 1.28
C ILE A 297 8.39 18.10 0.63
N ASN A 298 9.17 18.95 -0.03
CA ASN A 298 10.40 18.49 -0.68
C ASN A 298 11.42 17.89 0.29
N GLU A 299 11.59 18.54 1.46
CA GLU A 299 12.55 18.07 2.46
C GLU A 299 12.11 16.79 3.15
N ASN A 300 10.82 16.71 3.45
CA ASN A 300 10.27 15.60 4.20
C ASN A 300 9.73 14.41 3.43
N PHE A 301 9.07 14.68 2.31
CA PHE A 301 8.49 13.60 1.53
C PHE A 301 9.02 13.42 0.11
N GLY A 302 9.59 14.47 -0.47
CA GLY A 302 10.08 14.33 -1.84
C GLY A 302 8.89 13.89 -2.66
N THR A 303 9.01 12.80 -3.41
CA THR A 303 7.90 12.35 -4.23
C THR A 303 7.02 11.29 -3.54
N LEU A 304 7.35 11.01 -2.28
CA LEU A 304 6.58 10.03 -1.51
C LEU A 304 5.27 10.67 -1.07
N ALA A 305 4.21 9.88 -0.97
CA ALA A 305 2.93 10.41 -0.55
C ALA A 305 2.96 10.78 0.94
N PHE A 306 2.07 11.66 1.36
CA PHE A 306 1.96 12.07 2.76
C PHE A 306 0.49 12.37 3.06
N CYS A 307 0.19 12.75 4.31
CA CYS A 307 -1.17 13.11 4.69
C CYS A 307 -1.15 14.35 5.59
N ARG A 308 -2.30 14.98 5.80
CA ARG A 308 -2.35 16.18 6.63
C ARG A 308 -1.80 15.96 8.04
N ARG A 309 -2.01 14.77 8.60
CA ARG A 309 -1.52 14.49 9.94
C ARG A 309 0.01 14.56 9.97
N TRP A 310 0.65 14.19 8.87
CA TRP A 310 2.09 14.21 8.83
C TRP A 310 2.63 15.63 8.71
N LEU A 311 1.73 16.57 8.37
CA LEU A 311 2.10 17.97 8.28
C LEU A 311 1.93 18.58 9.66
N ASP A 312 0.81 18.30 10.32
CA ASP A 312 0.60 18.83 11.67
C ASP A 312 1.77 18.36 12.50
N ARG A 313 2.06 17.07 12.38
CA ARG A 313 3.15 16.44 13.11
C ARG A 313 4.46 17.24 13.04
N LEU A 314 4.70 17.92 11.93
CA LEU A 314 5.91 18.71 11.75
C LEU A 314 5.75 20.15 12.23
N GLY A 315 4.71 20.40 13.02
CA GLY A 315 4.48 21.73 13.54
C GLY A 315 3.84 22.71 12.57
N GLU A 316 3.47 22.23 11.39
CA GLU A 316 2.84 23.08 10.40
C GLU A 316 1.36 23.29 10.69
N SER A 317 0.91 24.54 10.59
CA SER A 317 -0.49 24.89 10.82
C SER A 317 -0.87 25.98 9.82
N LYS A 318 -2.16 26.13 9.54
CA LYS A 318 -2.57 27.16 8.58
C LYS A 318 -1.91 26.87 7.24
N TYR A 319 -2.08 25.63 6.78
CA TYR A 319 -1.47 25.19 5.53
C TYR A 319 -2.46 24.74 4.47
N LEU A 320 -3.73 24.58 4.86
CA LEU A 320 -4.73 24.11 3.90
C LEU A 320 -4.80 24.90 2.60
N MET A 321 -4.71 26.22 2.67
CA MET A 321 -4.79 27.04 1.48
C MET A 321 -3.53 26.88 0.62
N ALA A 322 -2.37 26.81 1.27
CA ALA A 322 -1.12 26.62 0.55
C ALA A 322 -1.17 25.26 -0.16
N LEU A 323 -1.62 24.23 0.56
CA LEU A 323 -1.71 22.90 -0.01
C LEU A 323 -2.62 22.93 -1.24
N LYS A 324 -3.72 23.67 -1.13
CA LYS A 324 -4.64 23.78 -2.24
C LYS A 324 -3.95 24.47 -3.42
N ASN A 325 -3.21 25.54 -3.13
CA ASN A 325 -2.49 26.25 -4.19
C ASN A 325 -1.56 25.30 -4.92
N LEU A 326 -0.84 24.49 -4.18
CA LEU A 326 0.09 23.54 -4.79
C LEU A 326 -0.70 22.54 -5.62
N CYS A 327 -1.88 22.15 -5.14
CA CYS A 327 -2.71 21.22 -5.90
C CYS A 327 -3.19 21.86 -7.20
N ASP A 328 -3.61 23.13 -7.14
CA ASP A 328 -4.09 23.82 -8.34
C ASP A 328 -2.95 24.12 -9.31
N LEU A 329 -1.72 24.17 -8.81
CA LEU A 329 -0.57 24.42 -9.65
C LEU A 329 -0.09 23.12 -10.30
N GLY A 330 -0.69 22.01 -9.92
CA GLY A 330 -0.29 20.73 -10.48
C GLY A 330 1.02 20.22 -9.91
N ILE A 331 1.52 20.90 -8.87
CA ILE A 331 2.77 20.51 -8.23
C ILE A 331 2.50 19.35 -7.28
N VAL A 332 1.30 19.36 -6.69
CA VAL A 332 0.89 18.31 -5.79
C VAL A 332 -0.48 17.80 -6.21
N ASP A 333 -0.66 16.49 -6.22
CA ASP A 333 -1.96 15.92 -6.59
C ASP A 333 -2.60 15.31 -5.36
N PRO A 334 -3.91 15.53 -5.20
CA PRO A 334 -4.62 14.98 -4.04
C PRO A 334 -5.13 13.58 -4.39
N TYR A 335 -5.22 12.72 -3.39
CA TYR A 335 -5.71 11.36 -3.60
C TYR A 335 -6.81 11.08 -2.57
N PRO A 336 -8.04 11.48 -2.88
CA PRO A 336 -9.19 11.30 -2.00
C PRO A 336 -9.62 9.84 -1.84
N PRO A 337 -10.32 9.53 -0.75
CA PRO A 337 -10.77 8.15 -0.51
C PRO A 337 -11.60 7.64 -1.71
N LEU A 338 -11.47 6.34 -1.98
CA LEU A 338 -12.19 5.71 -3.06
C LEU A 338 -13.16 4.68 -2.47
N CYS A 339 -14.46 5.00 -2.55
CA CYS A 339 -15.54 4.20 -2.00
C CYS A 339 -16.56 3.67 -3.01
N ASP A 340 -17.12 2.50 -2.70
CA ASP A 340 -18.12 1.92 -3.57
C ASP A 340 -19.40 2.51 -3.01
N ILE A 341 -20.55 2.02 -3.47
CA ILE A 341 -21.83 2.53 -3.01
C ILE A 341 -22.11 2.29 -1.52
N LYS A 342 -22.81 3.23 -0.92
CA LYS A 342 -23.17 3.13 0.50
C LYS A 342 -23.84 1.80 0.81
N GLY A 343 -23.35 1.12 1.85
CA GLY A 343 -23.94 -0.15 2.24
C GLY A 343 -23.19 -1.38 1.72
N SER A 344 -22.27 -1.16 0.80
CA SER A 344 -21.49 -2.27 0.24
C SER A 344 -20.26 -2.52 1.10
N TYR A 345 -19.67 -3.70 0.93
CA TYR A 345 -18.49 -4.06 1.71
C TYR A 345 -17.34 -4.32 0.76
N THR A 346 -16.16 -3.81 1.10
CA THR A 346 -15.00 -4.00 0.26
C THR A 346 -13.82 -4.56 1.06
N ALA A 347 -13.02 -5.41 0.42
CA ALA A 347 -11.86 -6.05 1.02
C ALA A 347 -10.64 -5.91 0.11
N GLN A 348 -9.43 -5.97 0.67
CA GLN A 348 -8.20 -5.84 -0.12
C GLN A 348 -7.01 -6.62 0.44
N PHE A 349 -6.14 -7.09 -0.44
CA PHE A 349 -4.92 -7.81 -0.08
C PHE A 349 -3.88 -7.39 -1.10
N GLU A 350 -2.70 -6.98 -0.62
CA GLU A 350 -1.65 -6.50 -1.51
C GLU A 350 -0.25 -6.99 -1.10
N HIS A 351 0.57 -7.22 -2.11
CA HIS A 351 1.95 -7.66 -1.93
C HIS A 351 2.83 -7.03 -3.00
N THR A 352 4.10 -6.79 -2.65
CA THR A 352 5.04 -6.24 -3.61
C THR A 352 5.91 -7.40 -4.09
N ILE A 353 6.06 -7.52 -5.40
CA ILE A 353 6.87 -8.58 -6.01
C ILE A 353 8.07 -8.02 -6.77
N LEU A 354 9.14 -8.80 -6.80
CA LEU A 354 10.36 -8.41 -7.50
C LEU A 354 10.54 -9.31 -8.72
N LEU A 355 10.53 -8.73 -9.91
CA LEU A 355 10.72 -9.53 -11.11
C LEU A 355 12.22 -9.67 -11.39
N ARG A 356 12.89 -10.44 -10.55
CA ARG A 356 14.33 -10.70 -10.68
C ARG A 356 14.61 -11.63 -11.84
N PRO A 357 15.83 -11.58 -12.40
CA PRO A 357 16.26 -12.41 -13.53
C PRO A 357 16.28 -13.91 -13.23
N THR A 358 16.43 -14.27 -11.97
CA THR A 358 16.48 -15.68 -11.58
C THR A 358 15.15 -16.22 -11.08
N CYS A 359 14.22 -15.33 -10.76
CA CYS A 359 12.93 -15.77 -10.25
C CYS A 359 12.02 -14.60 -9.87
N LYS A 360 10.80 -14.96 -9.46
CA LYS A 360 9.79 -14.01 -9.02
C LYS A 360 9.75 -14.09 -7.48
N GLU A 361 9.99 -12.98 -6.80
CA GLU A 361 9.99 -12.99 -5.32
C GLU A 361 8.89 -12.15 -4.66
N VAL A 362 8.04 -12.82 -3.88
CA VAL A 362 6.98 -12.11 -3.16
C VAL A 362 7.68 -11.65 -1.89
N VAL A 363 8.48 -10.59 -2.03
CA VAL A 363 9.27 -10.03 -0.93
C VAL A 363 8.53 -9.68 0.35
N SER A 364 7.26 -9.28 0.24
CA SER A 364 6.50 -8.91 1.43
C SER A 364 5.66 -10.05 2.00
N ARG A 365 5.88 -11.27 1.50
CA ARG A 365 5.13 -12.42 2.00
C ARG A 365 5.48 -12.69 3.44
N GLY A 366 4.50 -13.12 4.21
CA GLY A 366 4.76 -13.43 5.61
C GLY A 366 4.09 -14.75 5.91
N ASP A 367 4.23 -15.23 7.14
CA ASP A 367 3.57 -16.48 7.51
C ASP A 367 2.10 -16.17 7.77
N ASP A 368 1.75 -14.88 7.71
CA ASP A 368 0.38 -14.44 7.94
C ASP A 368 -0.44 -14.40 6.64
N TYR A 369 0.11 -13.84 5.57
CA TYR A 369 -0.58 -13.81 4.30
C TYR A 369 0.43 -13.48 3.21
#